data_5OV4
#
_entry.id   5OV4
#
_cell.length_a   49.092
_cell.length_b   62.487
_cell.length_c   91.391
_cell.angle_alpha   90.00
_cell.angle_beta   90.00
_cell.angle_gamma   90.00
#
_symmetry.space_group_name_H-M   'P 21 21 21'
#
loop_
_entity.id
_entity.type
_entity.pdbx_description
1 polymer 'Porphobilinogen deaminase'
2 water water
#
_entity_poly.entity_id   1
_entity_poly.type   'polypeptide(L)'
_entity_poly.pdbx_seq_one_letter_code
;HMRKIIVGSRRSKLALTQTKWVIEQLKKQGLPFEFEIKEMVTKGDQILNVTLSKVGGKGLFVKEIEQAMLDKEIDMAVHS
MKAMPAVLPEGLTIGCIPLREDHRDALISKNGERFEELPSGAVIGTSSLRRGAQLLSMRSDIEIKWIRGNIDTRLEKLKN
EDYDAIILAAAGLSRMGWSKDTVTQYLEPEISVPAVGQGALAIECRENDHELLSLLQALNHDETARAVRAERVFLKEMEG
GCQVPIAGYGRILDGGNIELTSLVASPDGKTIYKEHITGKDPIAIGSEAAERLTSQGAKLLIDRVKEELDK
;
_entity_poly.pdbx_strand_id   A
#
# COMPACT_ATOMS: atom_id res chain seq x y z
N HIS A 1 -11.96 -22.49 -29.65
CA HIS A 1 -11.05 -21.65 -28.90
C HIS A 1 -11.68 -21.20 -27.59
N MET A 2 -10.87 -20.59 -26.73
CA MET A 2 -11.35 -19.98 -25.50
C MET A 2 -10.71 -18.61 -25.34
N ARG A 3 -11.42 -17.72 -24.65
CA ARG A 3 -11.00 -16.32 -24.56
C ARG A 3 -9.62 -16.19 -23.93
N LYS A 4 -8.78 -15.37 -24.54
CA LYS A 4 -7.45 -15.08 -24.03
C LYS A 4 -7.48 -13.73 -23.30
N ILE A 5 -7.21 -13.77 -22.01
CA ILE A 5 -7.25 -12.57 -21.17
C ILE A 5 -5.88 -11.91 -21.19
N ILE A 6 -5.86 -10.61 -21.48
CA ILE A 6 -4.63 -9.84 -21.60
C ILE A 6 -4.43 -9.06 -20.31
N VAL A 7 -3.29 -9.26 -19.67
CA VAL A 7 -2.96 -8.62 -18.40
C VAL A 7 -1.76 -7.71 -18.63
N GLY A 8 -1.99 -6.40 -18.53
CA GLY A 8 -0.88 -5.48 -18.58
C GLY A 8 -0.09 -5.45 -17.29
N SER A 9 1.17 -5.02 -17.39
CA SER A 9 2.04 -5.06 -16.22
C SER A 9 3.19 -4.10 -16.38
N ARG A 10 3.53 -3.41 -15.30
CA ARG A 10 4.78 -2.67 -15.22
C ARG A 10 5.96 -3.64 -15.35
N ARG A 11 7.06 -3.14 -15.92
CA ARG A 11 8.17 -4.00 -16.31
C ARG A 11 9.08 -4.41 -15.15
N SER A 12 8.86 -3.91 -13.95
CA SER A 12 9.78 -4.21 -12.85
C SER A 12 9.66 -5.68 -12.43
N LYS A 13 10.69 -6.16 -11.76
CA LYS A 13 10.71 -7.56 -11.32
C LYS A 13 9.60 -7.84 -10.32
N LEU A 14 9.33 -6.88 -9.43
CA LEU A 14 8.24 -7.05 -8.47
C LEU A 14 6.88 -7.05 -9.16
N ALA A 15 6.69 -6.17 -10.14
CA ALA A 15 5.39 -6.07 -10.80
C ALA A 15 5.08 -7.32 -11.60
N LEU A 16 6.05 -7.84 -12.34
CA LEU A 16 5.82 -9.07 -13.10
C LEU A 16 5.69 -10.28 -12.17
N THR A 17 6.31 -10.22 -10.99
CA THR A 17 6.14 -11.29 -10.01
C THR A 17 4.70 -11.35 -9.52
N GLN A 18 4.15 -10.21 -9.12
CA GLN A 18 2.75 -10.17 -8.71
C GLN A 18 1.83 -10.57 -9.84
N THR A 19 2.10 -10.09 -11.05
CA THR A 19 1.25 -10.41 -12.20
C THR A 19 1.22 -11.91 -12.46
N LYS A 20 2.38 -12.57 -12.42
CA LYS A 20 2.42 -13.99 -12.67
C LYS A 20 1.80 -14.79 -11.54
N TRP A 21 1.93 -14.32 -10.30
CA TRP A 21 1.32 -15.01 -9.18
C TRP A 21 -0.20 -14.99 -9.26
N VAL A 22 -0.77 -13.84 -9.63
CA VAL A 22 -2.22 -13.74 -9.80
C VAL A 22 -2.68 -14.65 -10.92
N ILE A 23 -1.95 -14.70 -12.03
CA ILE A 23 -2.29 -15.58 -13.13
C ILE A 23 -2.21 -17.04 -12.68
N GLU A 24 -1.13 -17.38 -11.97
CA GLU A 24 -0.98 -18.73 -11.45
C GLU A 24 -2.14 -19.11 -10.54
N GLN A 25 -2.59 -18.17 -9.71
CA GLN A 25 -3.70 -18.46 -8.80
C GLN A 25 -5.03 -18.53 -9.54
N LEU A 26 -5.19 -17.71 -10.58
CA LEU A 26 -6.43 -17.75 -11.35
C LEU A 26 -6.55 -19.03 -12.17
N LYS A 27 -5.42 -19.66 -12.50
CA LYS A 27 -5.45 -20.89 -13.27
C LYS A 27 -5.92 -22.09 -12.46
N LYS A 28 -5.82 -22.03 -11.12
CA LYS A 28 -6.20 -23.18 -10.31
C LYS A 28 -7.71 -23.38 -10.25
N GLN A 29 -8.50 -22.43 -10.74
CA GLN A 29 -9.95 -22.66 -10.84
C GLN A 29 -10.30 -23.62 -11.95
N GLY A 30 -9.41 -23.83 -12.91
CA GLY A 30 -9.66 -24.76 -14.00
C GLY A 30 -10.76 -24.33 -14.93
N LEU A 31 -10.92 -23.02 -15.17
CA LEU A 31 -11.94 -22.51 -16.07
C LEU A 31 -11.34 -22.20 -17.44
N PRO A 32 -12.14 -22.26 -18.51
CA PRO A 32 -11.59 -22.12 -19.87
C PRO A 32 -11.19 -20.69 -20.22
N PHE A 33 -9.96 -20.31 -19.86
CA PHE A 33 -9.42 -19.00 -20.22
C PHE A 33 -7.93 -19.14 -20.48
N GLU A 34 -7.43 -18.30 -21.37
CA GLU A 34 -5.99 -18.12 -21.56
C GLU A 34 -5.56 -16.81 -20.93
N PHE A 35 -4.30 -16.77 -20.50
CA PHE A 35 -3.73 -15.58 -19.89
C PHE A 35 -2.47 -15.18 -20.64
N GLU A 36 -2.25 -13.87 -20.76
CA GLU A 36 -1.14 -13.37 -21.54
C GLU A 36 -0.71 -12.01 -20.99
N ILE A 37 0.53 -11.91 -20.56
CA ILE A 37 1.09 -10.65 -20.08
C ILE A 37 1.46 -9.78 -21.28
N LYS A 38 1.17 -8.49 -21.17
CA LYS A 38 1.58 -7.50 -22.18
C LYS A 38 2.26 -6.35 -21.44
N GLU A 39 3.58 -6.31 -21.53
CA GLU A 39 4.33 -5.26 -20.86
C GLU A 39 3.97 -3.89 -21.44
N MET A 40 3.84 -2.91 -20.56
CA MET A 40 3.34 -1.59 -20.94
C MET A 40 4.44 -0.54 -20.95
N VAL A 62 0.35 3.85 -15.45
CA VAL A 62 -0.89 4.03 -14.70
C VAL A 62 -1.99 4.60 -15.60
N LYS A 63 -1.67 5.70 -16.29
CA LYS A 63 -2.66 6.30 -17.18
C LYS A 63 -2.73 5.54 -18.51
N GLU A 64 -1.58 5.08 -19.01
CA GLU A 64 -1.61 4.16 -20.15
C GLU A 64 -2.39 2.90 -19.79
N ILE A 65 -2.14 2.36 -18.60
CA ILE A 65 -2.83 1.15 -18.16
C ILE A 65 -4.34 1.36 -18.16
N GLU A 66 -4.81 2.43 -17.51
CA GLU A 66 -6.24 2.63 -17.33
C GLU A 66 -6.94 2.87 -18.66
N GLN A 67 -6.37 3.76 -19.49
CA GLN A 67 -6.99 4.03 -20.79
C GLN A 67 -6.91 2.82 -21.70
N ALA A 68 -5.79 2.11 -21.68
CA ALA A 68 -5.68 0.86 -22.43
C ALA A 68 -6.76 -0.13 -22.01
N MET A 69 -7.06 -0.19 -20.71
CA MET A 69 -8.12 -1.05 -20.23
C MET A 69 -9.49 -0.55 -20.71
N LEU A 70 -9.71 0.76 -20.67
CA LEU A 70 -10.95 1.32 -21.19
C LEU A 70 -11.02 1.20 -22.71
N ASP A 71 -9.86 1.29 -23.39
CA ASP A 71 -9.83 1.10 -24.83
C ASP A 71 -9.98 -0.36 -25.24
N LYS A 72 -9.93 -1.28 -24.28
CA LYS A 72 -10.06 -2.73 -24.43
C LYS A 72 -8.80 -3.38 -25.02
N GLU A 73 -7.67 -2.68 -25.09
CA GLU A 73 -6.46 -3.32 -25.58
C GLU A 73 -5.81 -4.19 -24.51
N ILE A 74 -6.20 -4.02 -23.24
CA ILE A 74 -5.88 -4.96 -22.18
C ILE A 74 -7.17 -5.23 -21.41
N ASP A 75 -7.16 -6.32 -20.64
CA ASP A 75 -8.34 -6.77 -19.92
C ASP A 75 -8.27 -6.57 -18.41
N MET A 76 -7.09 -6.62 -17.81
CA MET A 76 -6.94 -6.41 -16.38
C MET A 76 -5.51 -6.01 -16.08
N ALA A 77 -5.27 -5.68 -14.81
CA ALA A 77 -3.94 -5.28 -14.35
C ALA A 77 -3.85 -5.54 -12.86
N VAL A 78 -2.64 -5.83 -12.40
CA VAL A 78 -2.36 -6.18 -11.01
C VAL A 78 -1.40 -5.16 -10.44
N HIS A 79 -1.87 -4.38 -9.46
CA HIS A 79 -1.05 -3.36 -8.83
C HIS A 79 -0.94 -3.64 -7.34
N SER A 80 0.05 -3.00 -6.71
CA SER A 80 0.04 -2.87 -5.27
C SER A 80 -1.06 -1.90 -4.86
N MET A 81 -1.82 -2.26 -3.83
CA MET A 81 -2.96 -1.42 -3.43
C MET A 81 -2.52 -0.04 -3.00
N LYS A 82 -1.34 0.08 -2.38
CA LYS A 82 -0.83 1.38 -2.00
C LYS A 82 -0.36 2.21 -3.20
N ALA A 83 -0.21 1.59 -4.36
CA ALA A 83 0.11 2.30 -5.60
C ALA A 83 -1.13 2.60 -6.44
N MET A 84 -2.30 2.15 -6.01
CA MET A 84 -3.52 2.48 -6.72
C MET A 84 -3.93 3.92 -6.44
N PRO A 85 -4.36 4.67 -7.45
CA PRO A 85 -4.86 6.03 -7.18
C PRO A 85 -6.12 5.97 -6.35
N ALA A 86 -6.32 6.99 -5.51
CA ALA A 86 -7.47 7.00 -4.63
C ALA A 86 -8.78 6.96 -5.41
N VAL A 87 -8.79 7.52 -6.62
CA VAL A 87 -9.99 7.57 -7.45
C VAL A 87 -9.72 6.86 -8.76
N LEU A 88 -10.58 5.91 -9.12
CA LEU A 88 -10.48 5.26 -10.42
C LEU A 88 -11.39 5.95 -11.44
N PRO A 89 -11.01 5.96 -12.71
CA PRO A 89 -11.87 6.57 -13.73
C PRO A 89 -13.14 5.77 -13.93
N GLU A 90 -14.20 6.48 -14.34
CA GLU A 90 -15.49 5.86 -14.59
C GLU A 90 -15.37 4.80 -15.67
N GLY A 91 -15.85 3.59 -15.38
CA GLY A 91 -15.73 2.46 -16.27
C GLY A 91 -14.78 1.39 -15.78
N LEU A 92 -13.86 1.73 -14.89
CA LEU A 92 -12.93 0.77 -14.30
C LEU A 92 -13.28 0.54 -12.84
N THR A 93 -12.95 -0.65 -12.36
CA THR A 93 -13.24 -1.03 -10.98
C THR A 93 -12.15 -1.97 -10.48
N ILE A 94 -12.13 -2.17 -9.17
CA ILE A 94 -11.25 -3.14 -8.54
C ILE A 94 -12.06 -4.41 -8.34
N GLY A 95 -11.84 -5.39 -9.19
CA GLY A 95 -12.63 -6.61 -9.20
C GLY A 95 -12.20 -7.71 -8.26
N CYS A 96 -11.05 -7.57 -7.60
CA CYS A 96 -10.58 -8.61 -6.69
C CYS A 96 -9.46 -8.09 -5.78
N ILE A 97 -9.57 -8.38 -4.49
CA ILE A 97 -8.51 -8.13 -3.52
C ILE A 97 -8.16 -9.45 -2.85
N PRO A 98 -7.04 -10.06 -3.21
CA PRO A 98 -6.71 -11.38 -2.65
C PRO A 98 -6.38 -11.33 -1.16
N LEU A 99 -5.95 -12.46 -0.61
CA LEU A 99 -5.60 -12.53 0.79
C LEU A 99 -4.43 -11.59 1.08
N ARG A 100 -4.55 -10.82 2.16
CA ARG A 100 -3.57 -9.80 2.46
C ARG A 100 -2.28 -10.40 2.99
N GLU A 101 -1.15 -9.85 2.55
CA GLU A 101 0.14 -10.24 3.08
C GLU A 101 0.43 -9.39 4.33
N ASP A 102 1.67 -9.43 4.80
CA ASP A 102 2.06 -8.61 5.94
C ASP A 102 1.88 -7.14 5.60
N HIS A 103 1.22 -6.40 6.50
CA HIS A 103 0.88 -5.01 6.28
C HIS A 103 1.87 -4.04 6.90
N ARG A 104 2.88 -4.54 7.61
CA ARG A 104 3.70 -3.68 8.46
C ARG A 104 4.94 -3.17 7.72
N ASP A 105 5.35 -1.96 8.10
CA ASP A 105 6.67 -1.47 7.76
C ASP A 105 7.72 -2.28 8.51
N ALA A 106 8.92 -2.35 7.93
CA ALA A 106 10.00 -3.14 8.51
C ALA A 106 11.27 -2.31 8.59
N LEU A 107 12.00 -2.48 9.69
CA LEU A 107 13.27 -1.79 9.90
C LEU A 107 14.41 -2.78 9.73
N ILE A 108 15.37 -2.42 8.90
CA ILE A 108 16.59 -3.20 8.71
C ILE A 108 17.77 -2.29 9.01
N SER A 109 18.54 -2.64 10.04
CA SER A 109 19.68 -1.85 10.46
C SER A 109 20.97 -2.47 9.95
N LYS A 110 21.95 -1.60 9.70
CA LYS A 110 23.27 -2.08 9.29
C LYS A 110 23.93 -2.86 10.41
N ASN A 111 23.75 -2.44 11.66
CA ASN A 111 24.41 -3.06 12.80
C ASN A 111 23.43 -3.73 13.74
N GLY A 112 22.20 -3.99 13.29
CA GLY A 112 21.27 -4.84 14.01
C GLY A 112 20.51 -4.19 15.14
N GLU A 113 20.52 -2.86 15.24
CA GLU A 113 19.79 -2.20 16.30
C GLU A 113 18.30 -2.11 15.98
N ARG A 114 17.49 -2.17 17.03
CA ARG A 114 16.07 -1.87 16.90
C ARG A 114 15.89 -0.35 16.80
N PHE A 115 14.64 0.09 16.63
CA PHE A 115 14.40 1.51 16.44
C PHE A 115 14.79 2.31 17.69
N GLU A 116 14.43 1.82 18.88
CA GLU A 116 14.79 2.53 20.10
C GLU A 116 16.27 2.38 20.44
N GLU A 117 16.97 1.43 19.82
CA GLU A 117 18.38 1.19 20.09
C GLU A 117 19.31 1.96 19.16
N LEU A 118 18.80 2.52 18.07
CA LEU A 118 19.64 3.24 17.15
C LEU A 118 20.29 4.45 17.84
N PRO A 119 21.56 4.73 17.58
CA PRO A 119 22.24 5.83 18.26
C PRO A 119 21.67 7.18 17.86
N SER A 120 22.03 8.19 18.63
CA SER A 120 21.63 9.55 18.32
C SER A 120 22.17 9.98 16.97
N GLY A 121 21.35 10.71 16.22
CA GLY A 121 21.74 11.13 14.89
C GLY A 121 21.75 10.04 13.85
N ALA A 122 21.24 8.85 14.17
CA ALA A 122 21.18 7.77 13.19
C ALA A 122 20.35 8.20 11.99
N VAL A 123 20.80 7.80 10.80
CA VAL A 123 20.15 8.15 9.55
C VAL A 123 19.32 6.96 9.09
N ILE A 124 18.03 7.17 8.91
CA ILE A 124 17.11 6.13 8.44
C ILE A 124 16.67 6.49 7.03
N GLY A 125 16.85 5.56 6.10
CA GLY A 125 16.60 5.83 4.70
C GLY A 125 15.20 5.48 4.23
N THR A 126 14.47 6.49 3.76
CA THR A 126 13.14 6.31 3.18
C THR A 126 12.74 7.59 2.48
N SER A 127 12.07 7.45 1.34
CA SER A 127 11.54 8.60 0.62
C SER A 127 10.07 8.84 0.94
N SER A 128 9.47 8.04 1.81
CA SER A 128 8.08 8.18 2.20
C SER A 128 7.97 9.17 3.35
N LEU A 129 7.31 10.31 3.09
CA LEU A 129 7.01 11.25 4.17
C LEU A 129 6.14 10.59 5.24
N ARG A 130 5.24 9.71 4.82
CA ARG A 130 4.43 8.97 5.79
C ARG A 130 5.30 8.19 6.77
N ARG A 131 6.33 7.51 6.26
CA ARG A 131 7.20 6.73 7.13
C ARG A 131 8.13 7.62 7.93
N GLY A 132 8.69 8.65 7.30
CA GLY A 132 9.62 9.52 7.99
C GLY A 132 8.97 10.35 9.08
N ALA A 133 7.77 10.87 8.81
CA ALA A 133 7.10 11.73 9.78
C ALA A 133 6.70 10.96 11.03
N GLN A 134 6.29 9.70 10.88
CA GLN A 134 5.89 8.92 12.04
C GLN A 134 7.09 8.52 12.89
N LEU A 135 8.21 8.18 12.25
CA LEU A 135 9.43 7.87 13.00
C LEU A 135 9.95 9.11 13.72
N LEU A 136 9.91 10.26 13.05
CA LEU A 136 10.31 11.51 13.69
C LEU A 136 9.40 11.85 14.87
N SER A 137 8.14 11.46 14.79
CA SER A 137 7.23 11.69 15.91
C SER A 137 7.61 10.82 17.11
N MET A 138 8.14 9.62 16.86
CA MET A 138 8.61 8.77 17.95
C MET A 138 9.97 9.22 18.47
N ARG A 139 10.85 9.69 17.57
CA ARG A 139 12.18 10.16 17.96
C ARG A 139 12.59 11.27 17.00
N SER A 140 12.79 12.47 17.55
CA SER A 140 13.25 13.61 16.75
C SER A 140 14.77 13.71 16.70
N ASP A 141 15.49 12.85 17.41
CA ASP A 141 16.96 12.86 17.42
C ASP A 141 17.55 11.99 16.32
N ILE A 142 16.75 11.56 15.35
CA ILE A 142 17.23 10.79 14.21
C ILE A 142 16.86 11.54 12.93
N GLU A 143 17.63 11.30 11.88
CA GLU A 143 17.44 11.95 10.60
C GLU A 143 16.83 10.99 9.60
N ILE A 144 15.97 11.52 8.73
CA ILE A 144 15.31 10.78 7.67
C ILE A 144 15.84 11.31 6.34
N LYS A 145 16.50 10.46 5.56
CA LYS A 145 17.10 10.86 4.31
C LYS A 145 16.53 10.06 3.15
N TRP A 146 16.46 10.72 1.99
CA TRP A 146 15.94 10.12 0.77
C TRP A 146 16.82 8.95 0.32
N ILE A 147 16.19 7.97 -0.32
CA ILE A 147 16.89 6.81 -0.85
C ILE A 147 16.06 6.24 -2.00
N ARG A 148 16.74 5.63 -2.97
CA ARG A 148 16.13 5.21 -4.21
C ARG A 148 16.49 3.78 -4.54
N GLY A 149 15.56 3.06 -5.14
CA GLY A 149 15.87 1.87 -5.91
C GLY A 149 15.19 0.62 -5.38
N ASN A 150 15.55 -0.49 -6.01
CA ASN A 150 15.09 -1.84 -5.70
C ASN A 150 15.16 -2.17 -4.22
N ILE A 151 14.36 -3.15 -3.78
CA ILE A 151 14.57 -3.75 -2.47
C ILE A 151 15.99 -4.27 -2.35
N ASP A 152 16.45 -4.98 -3.39
CA ASP A 152 17.82 -5.48 -3.42
C ASP A 152 18.83 -4.34 -3.46
N THR A 153 18.50 -3.24 -4.12
CA THR A 153 19.43 -2.12 -4.23
C THR A 153 19.56 -1.39 -2.90
N ARG A 154 18.45 -1.13 -2.22
CA ARG A 154 18.50 -0.41 -0.95
C ARG A 154 19.22 -1.21 0.12
N LEU A 155 19.19 -2.55 0.03
CA LEU A 155 19.90 -3.37 1.01
C LEU A 155 21.41 -3.26 0.85
N GLU A 156 21.88 -3.07 -0.39
CA GLU A 156 23.31 -2.85 -0.59
C GLU A 156 23.73 -1.45 -0.14
N LYS A 157 22.91 -0.44 -0.45
CA LYS A 157 23.21 0.91 -0.01
C LYS A 157 23.26 1.02 1.51
N LEU A 158 22.47 0.21 2.21
CA LEU A 158 22.56 0.15 3.66
C LEU A 158 23.93 -0.30 4.12
N LYS A 159 24.55 -1.22 3.36
CA LYS A 159 25.83 -1.77 3.76
C LYS A 159 26.99 -0.84 3.46
N ASN A 160 26.88 0.01 2.43
CA ASN A 160 28.03 0.73 1.91
C ASN A 160 27.96 2.24 2.12
N GLU A 161 26.87 2.78 2.65
CA GLU A 161 26.67 4.22 2.62
C GLU A 161 26.32 4.75 4.01
N ASP A 162 25.99 6.04 4.05
CA ASP A 162 25.78 6.78 5.29
C ASP A 162 24.55 6.33 6.07
N TYR A 163 23.70 5.49 5.47
CA TYR A 163 22.48 5.07 6.13
C TYR A 163 22.79 4.14 7.29
N ASP A 164 22.10 4.35 8.41
CA ASP A 164 22.16 3.41 9.52
C ASP A 164 21.04 2.37 9.46
N ALA A 165 19.95 2.69 8.77
CA ALA A 165 18.82 1.78 8.65
C ALA A 165 17.95 2.23 7.48
N ILE A 166 17.03 1.36 7.08
CA ILE A 166 16.07 1.66 6.03
C ILE A 166 14.70 1.12 6.44
N ILE A 167 13.66 1.62 5.77
CA ILE A 167 12.29 1.17 5.99
C ILE A 167 11.79 0.54 4.70
N LEU A 168 11.24 -0.66 4.80
CA LEU A 168 10.70 -1.37 3.66
C LEU A 168 9.40 -2.05 4.07
N ALA A 169 8.52 -2.25 3.09
CA ALA A 169 7.29 -2.98 3.35
C ALA A 169 7.59 -4.46 3.54
N ALA A 170 7.06 -5.05 4.62
CA ALA A 170 7.29 -6.46 4.88
C ALA A 170 6.70 -7.34 3.78
N ALA A 171 5.65 -6.86 3.11
CA ALA A 171 5.06 -7.63 2.01
C ALA A 171 6.00 -7.67 0.81
N GLY A 172 6.73 -6.58 0.55
CA GLY A 172 7.66 -6.56 -0.57
C GLY A 172 8.83 -7.50 -0.37
N LEU A 173 9.32 -7.61 0.87
CA LEU A 173 10.43 -8.51 1.15
C LEU A 173 10.00 -9.97 0.97
N SER A 174 8.74 -10.27 1.31
CA SER A 174 8.26 -11.64 1.18
C SER A 174 8.08 -12.04 -0.28
N ARG A 175 7.54 -11.14 -1.10
CA ARG A 175 7.31 -11.47 -2.50
C ARG A 175 8.60 -11.68 -3.27
N MET A 176 9.68 -11.01 -2.87
CA MET A 176 10.99 -11.19 -3.48
C MET A 176 11.77 -12.35 -2.87
N GLY A 177 11.13 -13.17 -2.04
CA GLY A 177 11.78 -14.33 -1.47
C GLY A 177 12.88 -14.02 -0.47
N TRP A 178 12.68 -13.04 0.40
CA TRP A 178 13.64 -12.69 1.42
C TRP A 178 13.28 -13.36 2.74
N SER A 179 14.30 -13.60 3.57
CA SER A 179 14.06 -14.14 4.90
C SER A 179 13.26 -13.16 5.74
N LYS A 180 12.37 -13.69 6.57
CA LYS A 180 11.75 -12.86 7.60
C LYS A 180 12.79 -12.36 8.60
N ASP A 181 13.94 -13.02 8.67
CA ASP A 181 15.05 -12.61 9.53
C ASP A 181 16.01 -11.66 8.85
N THR A 182 15.71 -11.24 7.62
CA THR A 182 16.37 -10.06 7.07
C THR A 182 15.90 -8.81 7.80
N VAL A 183 14.69 -8.83 8.32
CA VAL A 183 14.12 -7.71 9.07
C VAL A 183 14.73 -7.69 10.46
N THR A 184 15.19 -6.51 10.89
CA THR A 184 15.63 -6.35 12.27
C THR A 184 14.44 -6.22 13.22
N GLN A 185 13.41 -5.48 12.81
CA GLN A 185 12.25 -5.24 13.65
C GLN A 185 11.04 -4.97 12.78
N TYR A 186 9.93 -5.62 13.12
CA TYR A 186 8.65 -5.36 12.45
C TYR A 186 7.93 -4.25 13.19
N LEU A 187 7.66 -3.15 12.49
CA LEU A 187 7.00 -1.99 13.08
C LEU A 187 5.50 -2.27 13.17
N GLU A 188 5.01 -2.44 14.39
CA GLU A 188 3.58 -2.59 14.59
C GLU A 188 2.87 -1.27 14.27
N PRO A 189 1.57 -1.32 13.94
CA PRO A 189 0.86 -0.07 13.61
C PRO A 189 0.89 0.96 14.71
N GLU A 190 1.16 0.56 15.95
CA GLU A 190 1.27 1.54 17.04
C GLU A 190 2.44 2.49 16.81
N ILE A 191 3.52 1.99 16.22
CA ILE A 191 4.69 2.82 15.94
C ILE A 191 4.57 3.51 14.58
N SER A 192 4.16 2.76 13.55
CA SER A 192 4.11 3.26 12.19
C SER A 192 2.86 2.71 11.51
N VAL A 193 1.84 3.55 11.38
CA VAL A 193 0.59 3.16 10.74
C VAL A 193 0.89 2.95 9.26
N PRO A 194 0.56 1.78 8.70
CA PRO A 194 0.95 1.50 7.31
C PRO A 194 0.20 2.38 6.32
N ALA A 195 0.77 2.48 5.12
CA ALA A 195 0.07 3.11 4.02
C ALA A 195 -1.20 2.33 3.69
N VAL A 196 -2.17 3.03 3.10
CA VAL A 196 -3.44 2.40 2.76
C VAL A 196 -3.20 1.25 1.79
N GLY A 197 -3.65 0.07 2.15
CA GLY A 197 -3.58 -1.08 1.28
C GLY A 197 -2.23 -1.76 1.22
N GLN A 198 -1.31 -1.44 2.13
CA GLN A 198 -0.02 -2.10 2.15
C GLN A 198 -0.18 -3.58 2.48
N GLY A 199 0.52 -4.43 1.73
CA GLY A 199 0.36 -5.86 1.82
C GLY A 199 -0.75 -6.44 0.96
N ALA A 200 -1.57 -5.59 0.36
CA ALA A 200 -2.71 -6.03 -0.44
C ALA A 200 -2.45 -5.79 -1.92
N LEU A 201 -3.01 -6.67 -2.75
CA LEU A 201 -2.97 -6.51 -4.20
C LEU A 201 -4.30 -5.97 -4.69
N ALA A 202 -4.26 -5.36 -5.88
CA ALA A 202 -5.45 -4.81 -6.51
C ALA A 202 -5.52 -5.30 -7.95
N ILE A 203 -6.61 -5.96 -8.31
CA ILE A 203 -6.85 -6.44 -9.66
C ILE A 203 -7.89 -5.52 -10.28
N GLU A 204 -7.44 -4.65 -11.18
CA GLU A 204 -8.29 -3.65 -11.82
C GLU A 204 -8.81 -4.19 -13.14
N CYS A 205 -10.10 -3.96 -13.39
CA CYS A 205 -10.72 -4.37 -14.64
C CYS A 205 -11.97 -3.53 -14.88
N ARG A 206 -12.52 -3.66 -16.08
CA ARG A 206 -13.74 -2.94 -16.43
C ARG A 206 -14.92 -3.49 -15.65
N GLU A 207 -15.74 -2.59 -15.13
CA GLU A 207 -16.87 -3.00 -14.29
C GLU A 207 -18.00 -3.64 -15.08
N ASN A 208 -17.95 -3.61 -16.40
CA ASN A 208 -18.95 -4.28 -17.22
C ASN A 208 -18.48 -5.62 -17.77
N ASP A 209 -17.24 -6.01 -17.47
CA ASP A 209 -16.71 -7.32 -17.86
C ASP A 209 -17.16 -8.34 -16.82
N HIS A 210 -18.45 -8.68 -16.88
CA HIS A 210 -19.04 -9.59 -15.90
C HIS A 210 -18.41 -10.98 -15.96
N GLU A 211 -17.91 -11.37 -17.14
CA GLU A 211 -17.25 -12.68 -17.24
C GLU A 211 -15.94 -12.69 -16.46
N LEU A 212 -15.17 -11.61 -16.54
CA LEU A 212 -13.91 -11.55 -15.80
C LEU A 212 -14.17 -11.35 -14.31
N LEU A 213 -15.17 -10.55 -13.95
CA LEU A 213 -15.52 -10.38 -12.55
C LEU A 213 -15.90 -11.69 -11.89
N SER A 214 -16.54 -12.59 -12.63
CA SER A 214 -16.90 -13.89 -12.07
C SER A 214 -15.68 -14.75 -11.80
N LEU A 215 -14.72 -14.75 -12.72
CA LEU A 215 -13.48 -15.49 -12.50
C LEU A 215 -12.70 -14.94 -11.31
N LEU A 216 -12.74 -13.62 -11.10
CA LEU A 216 -12.00 -13.00 -10.01
C LEU A 216 -12.66 -13.18 -8.65
N GLN A 217 -13.91 -13.64 -8.60
CA GLN A 217 -14.62 -13.75 -7.34
C GLN A 217 -13.95 -14.75 -6.40
N ALA A 218 -13.54 -15.90 -6.94
CA ALA A 218 -12.99 -16.95 -6.08
C ALA A 218 -11.67 -16.52 -5.45
N LEU A 219 -10.90 -15.68 -6.13
CA LEU A 219 -9.63 -15.19 -5.58
C LEU A 219 -9.84 -14.08 -4.55
N ASN A 220 -11.01 -13.46 -4.54
CA ASN A 220 -11.27 -12.37 -3.61
C ASN A 220 -11.36 -12.89 -2.17
N HIS A 221 -11.05 -12.02 -1.21
CA HIS A 221 -11.03 -12.36 0.22
C HIS A 221 -11.60 -11.15 0.94
N ASP A 222 -12.91 -11.20 1.24
CA ASP A 222 -13.61 -10.01 1.69
C ASP A 222 -13.23 -9.56 3.09
N GLU A 223 -12.65 -10.44 3.92
CA GLU A 223 -12.05 -9.97 5.17
C GLU A 223 -10.95 -8.96 4.87
N THR A 224 -10.10 -9.27 3.88
CA THR A 224 -9.12 -8.28 3.43
C THR A 224 -9.81 -7.14 2.70
N ALA A 225 -10.86 -7.44 1.94
CA ALA A 225 -11.49 -6.41 1.10
C ALA A 225 -12.28 -5.41 1.92
N ARG A 226 -13.07 -5.90 2.90
CA ARG A 226 -13.84 -4.98 3.73
C ARG A 226 -12.92 -4.05 4.51
N ALA A 227 -11.78 -4.56 4.99
CA ALA A 227 -10.84 -3.72 5.71
C ALA A 227 -10.21 -2.68 4.79
N VAL A 228 -9.77 -3.11 3.60
CA VAL A 228 -9.13 -2.20 2.68
C VAL A 228 -10.12 -1.16 2.17
N ARG A 229 -11.39 -1.54 2.00
CA ARG A 229 -12.40 -0.59 1.52
C ARG A 229 -12.54 0.58 2.49
N ALA A 230 -12.54 0.29 3.79
CA ALA A 230 -12.60 1.37 4.78
C ALA A 230 -11.35 2.23 4.73
N GLU A 231 -10.18 1.61 4.51
CA GLU A 231 -8.96 2.38 4.34
C GLU A 231 -9.05 3.30 3.12
N ARG A 232 -9.56 2.78 2.01
CA ARG A 232 -9.56 3.54 0.76
C ARG A 232 -10.55 4.69 0.80
N VAL A 233 -11.66 4.54 1.53
CA VAL A 233 -12.61 5.65 1.67
C VAL A 233 -11.98 6.79 2.45
N PHE A 234 -11.26 6.47 3.53
CA PHE A 234 -10.53 7.50 4.27
C PHE A 234 -9.50 8.19 3.40
N LEU A 235 -8.77 7.41 2.60
CA LEU A 235 -7.80 7.99 1.67
C LEU A 235 -8.51 8.85 0.62
N LYS A 236 -9.68 8.41 0.18
CA LYS A 236 -10.41 9.14 -0.86
C LYS A 236 -10.99 10.45 -0.34
N GLU A 237 -11.61 10.40 0.84
CA GLU A 237 -12.23 11.60 1.39
C GLU A 237 -11.21 12.66 1.82
N MET A 238 -9.97 12.25 2.07
CA MET A 238 -8.92 13.18 2.46
C MET A 238 -8.04 13.60 1.29
N GLU A 239 -8.27 13.04 0.11
CA GLU A 239 -7.48 13.33 -1.10
C GLU A 239 -6.00 13.02 -0.86
N GLY A 240 -5.72 11.74 -0.67
CA GLY A 240 -4.39 11.28 -0.32
C GLY A 240 -3.73 10.45 -1.40
N GLY A 241 -2.47 10.12 -1.15
CA GLY A 241 -1.71 9.33 -2.09
C GLY A 241 -0.40 8.90 -1.48
N CYS A 242 0.46 8.36 -2.34
CA CYS A 242 1.76 7.89 -1.87
C CYS A 242 2.63 9.06 -1.39
N GLN A 243 2.52 10.21 -2.06
CA GLN A 243 3.37 11.36 -1.75
C GLN A 243 2.94 12.10 -0.48
N VAL A 244 1.71 11.87 -0.01
CA VAL A 244 1.16 12.62 1.10
C VAL A 244 1.36 11.84 2.40
N PRO A 245 1.81 12.49 3.48
CA PRO A 245 1.97 11.78 4.77
C PRO A 245 0.62 11.42 5.39
N ILE A 246 -0.04 10.42 4.81
CA ILE A 246 -1.32 9.93 5.30
C ILE A 246 -1.23 8.41 5.41
N ALA A 247 -1.96 7.86 6.39
CA ALA A 247 -1.85 6.44 6.67
C ALA A 247 -3.19 5.92 7.19
N GLY A 248 -3.45 4.64 6.87
CA GLY A 248 -4.67 3.99 7.30
C GLY A 248 -4.59 2.49 7.26
N TYR A 249 -4.84 1.82 8.39
CA TYR A 249 -4.84 0.37 8.45
C TYR A 249 -6.16 -0.13 9.01
N GLY A 250 -6.74 -1.10 8.33
CA GLY A 250 -7.97 -1.74 8.78
C GLY A 250 -7.75 -3.22 8.99
N ARG A 251 -8.56 -3.80 9.89
CA ARG A 251 -8.51 -5.22 10.17
C ARG A 251 -9.86 -5.65 10.72
N ILE A 252 -10.21 -6.91 10.49
CA ILE A 252 -11.48 -7.47 10.95
C ILE A 252 -11.27 -8.06 12.34
N LEU A 253 -12.09 -7.62 13.29
CA LEU A 253 -12.08 -8.20 14.63
C LEU A 253 -13.10 -9.32 14.71
N ASP A 254 -12.94 -10.17 15.71
CA ASP A 254 -13.90 -11.25 15.94
C ASP A 254 -15.28 -10.64 16.23
N GLY A 255 -16.25 -10.98 15.39
CA GLY A 255 -17.58 -10.40 15.46
C GLY A 255 -17.96 -9.61 14.23
N GLY A 256 -17.06 -9.41 13.27
CA GLY A 256 -17.37 -8.71 12.04
C GLY A 256 -17.03 -7.24 12.03
N ASN A 257 -16.59 -6.69 13.16
CA ASN A 257 -16.28 -5.26 13.23
C ASN A 257 -14.95 -4.97 12.54
N ILE A 258 -14.90 -3.82 11.88
CA ILE A 258 -13.67 -3.31 11.28
C ILE A 258 -13.05 -2.31 12.25
N GLU A 259 -11.77 -2.48 12.53
CA GLU A 259 -11.00 -1.50 13.29
C GLU A 259 -10.10 -0.75 12.32
N LEU A 260 -10.34 0.56 12.19
CA LEU A 260 -9.59 1.39 11.27
C LEU A 260 -8.75 2.39 12.07
N THR A 261 -7.44 2.32 11.91
CA THR A 261 -6.52 3.32 12.43
C THR A 261 -6.11 4.24 11.28
N SER A 262 -6.41 5.53 11.41
CA SER A 262 -6.14 6.50 10.36
C SER A 262 -5.30 7.64 10.92
N LEU A 263 -4.32 8.09 10.14
CA LEU A 263 -3.33 9.04 10.62
C LEU A 263 -2.95 10.03 9.54
N VAL A 264 -2.72 11.28 9.94
CA VAL A 264 -2.17 12.32 9.09
C VAL A 264 -1.06 13.02 9.88
N ALA A 265 0.13 13.11 9.29
CA ALA A 265 1.30 13.63 9.98
C ALA A 265 1.89 14.80 9.22
N SER A 266 2.53 15.72 9.97
CA SER A 266 3.31 16.77 9.35
C SER A 266 4.73 16.28 9.09
N PRO A 267 5.38 16.79 8.04
CA PRO A 267 6.71 16.27 7.66
C PRO A 267 7.72 16.26 8.80
N ASP A 268 7.79 17.31 9.62
CA ASP A 268 8.76 17.31 10.70
C ASP A 268 8.39 16.37 11.84
N GLY A 269 7.25 15.70 11.76
CA GLY A 269 6.83 14.74 12.77
C GLY A 269 6.34 15.33 14.07
N LYS A 270 6.14 16.65 14.14
CA LYS A 270 5.71 17.29 15.38
C LYS A 270 4.20 17.51 15.44
N THR A 271 3.46 17.14 14.39
CA THR A 271 2.00 17.20 14.40
C THR A 271 1.48 15.86 13.94
N ILE A 272 0.68 15.21 14.77
CA ILE A 272 0.14 13.88 14.50
C ILE A 272 -1.37 13.92 14.73
N TYR A 273 -2.14 13.85 13.64
CA TYR A 273 -3.57 13.63 13.73
C TYR A 273 -3.83 12.13 13.66
N LYS A 274 -4.38 11.57 14.73
CA LYS A 274 -4.58 10.13 14.84
C LYS A 274 -6.00 9.85 15.31
N GLU A 275 -6.65 8.87 14.68
CA GLU A 275 -8.05 8.56 14.98
C GLU A 275 -8.29 7.07 14.87
N HIS A 276 -8.95 6.51 15.88
CA HIS A 276 -9.29 5.09 15.95
C HIS A 276 -10.80 4.94 15.85
N ILE A 277 -11.26 4.11 14.92
CA ILE A 277 -12.69 3.89 14.70
C ILE A 277 -12.95 2.39 14.63
N THR A 278 -14.06 1.96 15.22
CA THR A 278 -14.49 0.57 15.19
C THR A 278 -15.99 0.52 14.93
N GLY A 279 -16.39 -0.16 13.88
CA GLY A 279 -17.78 -0.27 13.52
C GLY A 279 -18.02 -1.40 12.55
N LYS A 280 -19.15 -1.34 11.86
CA LYS A 280 -19.57 -2.42 10.96
C LYS A 280 -19.56 -2.04 9.48
N ASP A 281 -19.92 -0.80 9.14
CA ASP A 281 -19.95 -0.38 7.74
C ASP A 281 -18.61 0.24 7.35
N PRO A 282 -17.87 -0.37 6.41
CA PRO A 282 -16.55 0.19 6.07
C PRO A 282 -16.62 1.58 5.45
N ILE A 283 -17.64 1.86 4.64
CA ILE A 283 -17.76 3.19 4.05
C ILE A 283 -18.02 4.23 5.13
N ALA A 284 -18.91 3.93 6.06
CA ALA A 284 -19.20 4.87 7.15
C ALA A 284 -18.00 5.06 8.08
N ILE A 285 -17.21 4.01 8.28
CA ILE A 285 -16.03 4.12 9.14
C ILE A 285 -15.00 5.05 8.53
N GLY A 286 -14.63 4.79 7.27
CA GLY A 286 -13.71 5.68 6.59
C GLY A 286 -14.26 7.09 6.43
N SER A 287 -15.59 7.22 6.38
CA SER A 287 -16.19 8.54 6.29
C SER A 287 -16.01 9.31 7.59
N GLU A 288 -16.29 8.67 8.73
CA GLU A 288 -16.17 9.37 10.00
C GLU A 288 -14.72 9.73 10.30
N ALA A 289 -13.78 8.83 10.00
CA ALA A 289 -12.37 9.12 10.23
C ALA A 289 -11.93 10.35 9.45
N ALA A 290 -12.43 10.52 8.22
CA ALA A 290 -12.09 11.70 7.44
C ALA A 290 -12.85 12.92 7.94
N GLU A 291 -14.14 12.76 8.23
CA GLU A 291 -14.91 13.84 8.84
C GLU A 291 -14.28 14.29 10.15
N ARG A 292 -13.83 13.34 10.97
CA ARG A 292 -13.29 13.68 12.28
C ARG A 292 -11.94 14.39 12.15
N LEU A 293 -11.02 13.82 11.38
CA LEU A 293 -9.68 14.40 11.27
C LEU A 293 -9.70 15.73 10.51
N THR A 294 -10.63 15.92 9.58
CA THR A 294 -10.74 17.19 8.88
C THR A 294 -11.14 18.31 9.84
N SER A 295 -12.06 18.01 10.77
CA SER A 295 -12.48 19.03 11.74
C SER A 295 -11.34 19.41 12.68
N GLN A 296 -10.44 18.47 12.97
CA GLN A 296 -9.27 18.78 13.78
C GLN A 296 -8.23 19.61 13.03
N GLY A 297 -8.37 19.75 11.72
CA GLY A 297 -7.44 20.53 10.93
C GLY A 297 -6.46 19.74 10.10
N ALA A 298 -6.73 18.46 9.82
CA ALA A 298 -5.77 17.66 9.06
C ALA A 298 -5.85 17.95 7.57
N LYS A 299 -7.01 18.38 7.07
CA LYS A 299 -7.12 18.67 5.64
C LYS A 299 -6.34 19.93 5.28
N LEU A 300 -6.31 20.92 6.17
CA LEU A 300 -5.45 22.08 5.97
C LEU A 300 -3.99 21.67 5.84
N LEU A 301 -3.56 20.72 6.68
CA LEU A 301 -2.18 20.24 6.63
C LEU A 301 -1.86 19.65 5.27
N ILE A 302 -2.74 18.77 4.77
CA ILE A 302 -2.48 18.07 3.52
C ILE A 302 -2.35 19.04 2.35
N ASP A 303 -3.07 20.15 2.39
CA ASP A 303 -2.98 21.14 1.32
C ASP A 303 -1.62 21.84 1.32
N ARG A 304 -1.12 22.22 2.51
CA ARG A 304 0.18 22.87 2.59
C ARG A 304 1.29 21.96 2.09
N VAL A 305 1.21 20.67 2.40
CA VAL A 305 2.24 19.74 1.94
C VAL A 305 2.18 19.59 0.43
N LYS A 306 0.98 19.51 -0.13
CA LYS A 306 0.84 19.45 -1.58
C LYS A 306 1.33 20.74 -2.23
N GLU A 307 1.13 21.88 -1.55
CA GLU A 307 1.70 23.14 -2.04
C GLU A 307 3.22 23.13 -1.95
N GLU A 308 3.76 22.61 -0.84
CA GLU A 308 5.22 22.56 -0.69
C GLU A 308 5.87 21.71 -1.77
N LEU A 309 5.13 20.73 -2.30
CA LEU A 309 5.63 19.89 -3.39
C LEU A 309 5.49 20.61 -4.73
N ASP A 310 6.10 21.78 -4.80
CA ASP A 310 6.09 22.62 -6.00
C ASP A 310 7.07 23.76 -5.84
#